data_9C9K
#
_entry.id   9C9K
#
_cell.length_a   121.747
_cell.length_b   121.747
_cell.length_c   67.389
_cell.angle_alpha   90.00
_cell.angle_beta   90.00
_cell.angle_gamma   90.00
#
_symmetry.space_group_name_H-M   'P 41 21 2'
#
loop_
_entity.id
_entity.type
_entity.pdbx_description
1 polymer '319-33 monoclonal Fab Heavy Chain'
2 polymer '319-33 monoclonal Fab Light Chain'
3 non-polymer 'ZINC ION'
4 non-polymer 'CHLORIDE ION'
5 non-polymer IMIDAZOLE
6 non-polymer 1,2-ETHANEDIOL
7 water water
#
loop_
_entity_poly.entity_id
_entity_poly.type
_entity_poly.pdbx_seq_one_letter_code
_entity_poly.pdbx_strand_id
1 'polypeptide(L)'
;EVQLVQSGAEVKKPGESLKISCKVSGYSFSTYWIGWVRQMPGKGLEWMGIIYPGDSDTRYSPSFQGQVTISADKSISTAY
LQWSSLKASDTAMYYCARSRWYFDLWGRGTLVTVSSASTKGPSVFPLAPSSKSTSGGTAALGCLVKDYFPEPVTVSWNSG
ALTSGVHTFPAVLQSSGLYSLSSVVTVPSSSLGTQTYICNVNHKPSNTKVDKRVEPKSCDKTH
;
H
2 'polypeptide(L)'
;EIVLTQSPGTLSLSPGERATLSCRASQSVSSSYLAWYQQKPGQAPRLLIYGASSRATGIPDRFSGSGSGTDFTLTISRLE
PEDFAVYYCQQYDSSPLTFGGGTKVEIKRTVAAPSVFIFPPSDEQLKSGTASVVCLLNNFYPREAKVQWKVDNALQSGNS
QESVTEQDSKDSTYSLSSTLTLSKADYEKHKVYACEVTHQGLSSPVTKSFNRGEC
;
L
#
loop_
_chem_comp.id
_chem_comp.type
_chem_comp.name
_chem_comp.formula
CL non-polymer 'CHLORIDE ION' 'Cl -1'
EDO non-polymer 1,2-ETHANEDIOL 'C2 H6 O2'
IMD non-polymer IMIDAZOLE 'C3 H5 N2 1'
ZN non-polymer 'ZINC ION' 'Zn 2'
#
# COMPACT_ATOMS: atom_id res chain seq x y z
N VAL A 2 19.72 10.64 -16.98
CA VAL A 2 18.90 11.53 -16.18
C VAL A 2 18.55 10.91 -14.83
N GLN A 3 18.71 11.70 -13.78
CA GLN A 3 18.32 11.33 -12.44
C GLN A 3 17.50 12.45 -11.84
N LEU A 4 16.44 12.08 -11.13
CA LEU A 4 15.72 12.97 -10.23
C LEU A 4 15.93 12.42 -8.83
N VAL A 5 16.72 13.11 -8.02
CA VAL A 5 17.14 12.64 -6.71
C VAL A 5 16.34 13.40 -5.67
N GLN A 6 15.48 12.68 -4.94
CA GLN A 6 14.60 13.28 -3.95
C GLN A 6 15.19 13.18 -2.55
N SER A 7 14.82 14.15 -1.73
CA SER A 7 15.33 14.22 -0.38
C SER A 7 14.71 13.13 0.51
N GLY A 8 15.35 12.91 1.66
CA GLY A 8 15.06 11.73 2.48
C GLY A 8 13.74 11.82 3.22
N ALA A 9 13.35 10.68 3.82
CA ALA A 9 12.07 10.61 4.53
C ALA A 9 11.98 11.67 5.62
N GLU A 10 10.77 12.19 5.83
CA GLU A 10 10.52 13.26 6.80
C GLU A 10 9.49 12.82 7.83
N VAL A 11 9.73 13.20 9.09
CA VAL A 11 8.80 12.91 10.18
C VAL A 11 8.60 14.19 10.96
N LYS A 12 7.37 14.70 10.95
CA LYS A 12 7.09 16.06 11.39
C LYS A 12 5.83 16.06 12.26
N LYS A 13 5.71 17.10 13.07
CA LYS A 13 4.51 17.33 13.87
C LYS A 13 3.53 18.21 13.10
N PRO A 14 2.23 18.10 13.38
CA PRO A 14 1.28 19.03 12.76
C PRO A 14 1.60 20.47 13.11
N GLY A 15 1.37 21.37 12.15
CA GLY A 15 1.68 22.78 12.32
C GLY A 15 3.07 23.18 11.89
N GLU A 16 3.97 22.20 11.75
CA GLU A 16 5.34 22.49 11.37
C GLU A 16 5.41 22.76 9.87
N SER A 17 6.43 23.51 9.47
CA SER A 17 6.68 23.73 8.05
C SER A 17 7.64 22.66 7.52
N LEU A 18 7.64 22.51 6.20
CA LEU A 18 8.44 21.47 5.56
C LEU A 18 8.70 21.83 4.11
N LYS A 19 9.94 21.68 3.68
CA LYS A 19 10.32 21.82 2.28
C LYS A 19 11.06 20.56 1.86
N ILE A 20 10.59 19.91 0.81
CA ILE A 20 11.26 18.74 0.25
C ILE A 20 11.75 19.12 -1.14
N SER A 21 12.74 18.37 -1.62
CA SER A 21 13.52 18.77 -2.79
C SER A 21 13.71 17.61 -3.75
N CYS A 22 13.96 18.00 -5.00
N CYS A 22 14.12 17.98 -4.98
CA CYS A 22 14.19 17.06 -6.09
CA CYS A 22 14.12 17.10 -6.17
C CYS A 22 15.26 17.70 -6.94
C CYS A 22 15.21 17.60 -7.11
N LYS A 23 16.44 17.09 -6.96
CA LYS A 23 17.58 17.63 -7.70
C LYS A 23 17.80 16.81 -8.95
N VAL A 24 17.82 17.47 -10.10
CA VAL A 24 17.89 16.79 -11.39
C VAL A 24 19.30 16.91 -11.96
N SER A 25 19.66 15.90 -12.74
CA SER A 25 20.86 15.94 -13.56
C SER A 25 20.58 15.20 -14.85
N GLY A 26 21.28 15.61 -15.91
CA GLY A 26 21.24 14.89 -17.17
C GLY A 26 20.32 15.47 -18.24
N TYR A 27 19.66 16.59 -17.97
CA TYR A 27 18.86 17.29 -18.98
C TYR A 27 18.78 18.76 -18.62
N SER A 28 18.33 19.57 -19.58
CA SER A 28 18.20 21.01 -19.39
C SER A 28 17.05 21.35 -18.44
N PHE A 29 17.35 21.45 -17.15
CA PHE A 29 16.33 21.68 -16.12
C PHE A 29 15.42 22.84 -16.46
N SER A 30 15.98 23.90 -17.07
CA SER A 30 15.18 25.10 -17.22
C SER A 30 14.23 25.07 -18.41
N THR A 31 14.27 24.04 -19.27
CA THR A 31 13.45 24.02 -20.47
C THR A 31 12.38 22.93 -20.46
N TYR A 32 12.18 22.25 -19.33
CA TYR A 32 11.07 21.31 -19.15
C TYR A 32 10.28 21.66 -17.90
N TRP A 33 8.97 21.46 -17.94
CA TRP A 33 8.19 21.52 -16.74
C TRP A 33 8.57 20.36 -15.81
N ILE A 34 8.33 20.56 -14.52
CA ILE A 34 8.58 19.53 -13.53
C ILE A 34 7.55 19.69 -12.43
N GLY A 35 7.10 18.56 -11.87
CA GLY A 35 6.03 18.65 -10.90
C GLY A 35 5.96 17.55 -9.88
N TRP A 36 4.86 17.57 -9.12
CA TRP A 36 4.70 16.79 -7.91
C TRP A 36 3.38 16.02 -7.92
N VAL A 37 3.43 14.80 -7.42
CA VAL A 37 2.33 13.86 -7.28
C VAL A 37 2.32 13.33 -5.85
N ARG A 38 1.14 13.32 -5.24
CA ARG A 38 0.88 12.72 -3.93
C ARG A 38 0.32 11.32 -4.08
N GLN A 39 0.70 10.42 -3.15
CA GLN A 39 0.03 9.13 -3.03
C GLN A 39 -0.04 8.78 -1.56
N MET A 40 -1.24 8.81 -1.01
CA MET A 40 -1.43 8.35 0.33
C MET A 40 -1.33 6.82 0.33
N PRO A 41 -0.81 6.22 1.39
CA PRO A 41 -0.75 4.75 1.40
C PRO A 41 -2.12 4.13 1.15
N GLY A 42 -2.16 3.18 0.22
CA GLY A 42 -3.38 2.48 -0.11
C GLY A 42 -4.27 3.18 -1.12
N LYS A 43 -3.89 4.37 -1.57
CA LYS A 43 -4.67 5.18 -2.50
C LYS A 43 -3.96 5.32 -3.85
N GLY A 44 -4.65 5.95 -4.80
CA GLY A 44 -4.06 6.26 -6.09
C GLY A 44 -3.28 7.57 -6.10
N LEU A 45 -2.90 7.98 -7.30
CA LEU A 45 -2.06 9.16 -7.55
C LEU A 45 -2.91 10.41 -7.61
N GLU A 46 -2.38 11.51 -7.07
CA GLU A 46 -3.06 12.80 -7.13
C GLU A 46 -2.09 13.86 -7.62
N TRP A 47 -2.47 14.57 -8.69
CA TRP A 47 -1.64 15.62 -9.28
C TRP A 47 -1.68 16.87 -8.41
N MET A 48 -0.50 17.37 -8.01
CA MET A 48 -0.43 18.58 -7.18
C MET A 48 -0.17 19.84 -7.98
N GLY A 49 0.82 19.82 -8.85
CA GLY A 49 1.09 20.97 -9.70
C GLY A 49 2.40 20.79 -10.41
N ILE A 50 2.69 21.73 -11.33
CA ILE A 50 3.94 21.75 -12.10
C ILE A 50 4.49 23.17 -12.14
N ILE A 51 5.79 23.27 -12.39
CA ILE A 51 6.50 24.53 -12.49
C ILE A 51 7.41 24.47 -13.71
N TYR A 52 7.59 25.61 -14.37
CA TYR A 52 8.55 25.74 -15.46
C TYR A 52 9.77 26.45 -14.92
N PRO A 53 10.90 25.78 -14.70
CA PRO A 53 11.98 26.46 -13.97
C PRO A 53 12.57 27.67 -14.69
N GLY A 54 12.43 27.77 -16.02
CA GLY A 54 13.01 28.91 -16.73
C GLY A 54 12.57 30.25 -16.18
N ASP A 55 11.28 30.36 -15.82
CA ASP A 55 10.75 31.62 -15.32
C ASP A 55 9.81 31.43 -14.13
N SER A 56 9.71 30.20 -13.62
CA SER A 56 8.97 29.83 -12.42
C SER A 56 7.46 29.96 -12.57
N ASP A 57 6.94 29.92 -13.79
CA ASP A 57 5.50 29.79 -13.96
C ASP A 57 5.00 28.51 -13.29
N THR A 58 3.84 28.59 -12.65
CA THR A 58 3.29 27.45 -11.91
C THR A 58 1.86 27.18 -12.35
N ARG A 59 1.50 25.90 -12.29
CA ARG A 59 0.12 25.45 -12.49
C ARG A 59 -0.21 24.55 -11.32
N TYR A 60 -1.23 24.93 -10.55
CA TYR A 60 -1.61 24.18 -9.35
C TYR A 60 -2.97 23.53 -9.50
N SER A 61 -3.12 22.38 -8.85
CA SER A 61 -4.46 21.84 -8.61
C SER A 61 -5.20 22.73 -7.61
N PRO A 62 -6.48 22.99 -7.82
CA PRO A 62 -7.26 23.70 -6.80
C PRO A 62 -7.26 23.04 -5.43
N SER A 63 -7.12 21.71 -5.35
CA SER A 63 -7.15 21.06 -4.05
C SER A 63 -5.85 21.24 -3.27
N PHE A 64 -4.79 21.75 -3.90
CA PHE A 64 -3.52 21.97 -3.22
C PHE A 64 -3.08 23.43 -3.20
N GLN A 65 -3.62 24.27 -4.08
CA GLN A 65 -3.21 25.66 -4.16
C GLN A 65 -3.47 26.35 -2.83
N GLY A 66 -2.51 27.13 -2.37
CA GLY A 66 -2.65 27.80 -1.09
C GLY A 66 -2.36 26.94 0.12
N GLN A 67 -2.30 25.61 -0.01
CA GLN A 67 -1.75 24.78 1.04
C GLN A 67 -0.27 24.48 0.84
N VAL A 68 0.19 24.42 -0.41
CA VAL A 68 1.58 24.15 -0.74
C VAL A 68 2.09 25.20 -1.71
N THR A 69 3.41 25.33 -1.75
CA THR A 69 4.12 26.15 -2.72
C THR A 69 5.14 25.31 -3.47
N ILE A 70 5.09 25.37 -4.79
CA ILE A 70 6.05 24.71 -5.65
C ILE A 70 7.04 25.77 -6.13
N SER A 71 8.32 25.45 -6.09
CA SER A 71 9.32 26.44 -6.44
C SER A 71 10.50 25.73 -7.09
N ALA A 72 11.42 26.52 -7.65
CA ALA A 72 12.54 25.96 -8.36
C ALA A 72 13.72 26.91 -8.28
N ASP A 73 14.90 26.32 -8.21
CA ASP A 73 16.16 27.07 -8.18
C ASP A 73 17.00 26.54 -9.33
N LYS A 74 17.05 27.25 -10.46
CA LYS A 74 17.72 26.61 -11.59
C LYS A 74 19.24 26.62 -11.45
N SER A 75 19.79 27.47 -10.57
CA SER A 75 21.25 27.52 -10.41
C SER A 75 21.79 26.22 -9.83
N ILE A 76 20.95 25.44 -9.14
CA ILE A 76 21.34 24.13 -8.63
C ILE A 76 20.40 23.05 -9.13
N SER A 77 19.68 23.33 -10.21
CA SER A 77 18.81 22.35 -10.88
C SER A 77 17.91 21.60 -9.90
N THR A 78 17.29 22.34 -8.97
CA THR A 78 16.46 21.72 -7.94
C THR A 78 15.05 22.28 -7.93
N ALA A 79 14.06 21.40 -7.84
CA ALA A 79 12.67 21.77 -7.61
C ALA A 79 12.26 21.44 -6.18
N TYR A 80 11.26 22.16 -5.67
CA TYR A 80 10.86 22.06 -4.28
C TYR A 80 9.35 22.04 -4.13
N LEU A 81 8.90 21.42 -3.04
CA LEU A 81 7.51 21.41 -2.59
C LEU A 81 7.52 21.78 -1.12
N GLN A 82 6.73 22.77 -0.73
CA GLN A 82 6.79 23.19 0.66
C GLN A 82 5.40 23.48 1.22
N TRP A 83 5.27 23.19 2.51
CA TRP A 83 4.09 23.49 3.31
C TRP A 83 4.44 24.48 4.40
N SER A 84 3.57 25.48 4.61
CA SER A 84 3.79 26.38 5.75
C SER A 84 3.24 25.80 7.06
N SER A 85 2.25 24.91 7.00
CA SER A 85 1.64 24.35 8.21
C SER A 85 1.09 22.95 7.90
N LEU A 86 1.85 21.94 8.24
CA LEU A 86 1.48 20.57 7.90
C LEU A 86 0.28 20.10 8.70
N LYS A 87 -0.52 19.24 8.07
CA LYS A 87 -1.61 18.55 8.73
C LYS A 87 -1.33 17.06 8.67
N ALA A 88 -1.91 16.32 9.62
CA ALA A 88 -1.76 14.87 9.61
C ALA A 88 -2.16 14.26 8.26
N SER A 89 -3.16 14.84 7.59
CA SER A 89 -3.60 14.36 6.27
C SER A 89 -2.55 14.57 5.18
N ASP A 90 -1.47 15.27 5.46
CA ASP A 90 -0.34 15.39 4.54
C ASP A 90 0.61 14.20 4.60
N THR A 91 0.35 13.23 5.47
CA THR A 91 1.08 11.97 5.44
C THR A 91 0.86 11.23 4.12
N ALA A 92 1.93 11.06 3.35
CA ALA A 92 1.86 10.50 2.00
C ALA A 92 3.26 10.32 1.45
N MET A 93 3.33 9.58 0.34
CA MET A 93 4.51 9.60 -0.52
C MET A 93 4.36 10.74 -1.51
N TYR A 94 5.45 11.44 -1.77
CA TYR A 94 5.49 12.57 -2.70
C TYR A 94 6.53 12.28 -3.77
N TYR A 95 6.08 12.22 -5.03
CA TYR A 95 6.97 12.00 -6.16
C TYR A 95 7.19 13.30 -6.93
N CYS A 96 8.44 13.58 -7.30
N CYS A 96 8.40 13.45 -7.44
CA CYS A 96 8.66 14.56 -8.37
CA CYS A 96 8.74 14.52 -8.37
C CYS A 96 8.78 13.81 -9.69
C CYS A 96 9.05 13.92 -9.73
N ALA A 97 8.48 14.51 -10.78
CA ALA A 97 8.63 13.95 -12.11
C ALA A 97 8.68 15.06 -13.16
N ARG A 98 9.48 14.82 -14.19
CA ARG A 98 9.54 15.74 -15.33
C ARG A 98 8.23 15.70 -16.11
N SER A 99 7.78 16.88 -16.55
CA SER A 99 6.44 17.04 -17.12
C SER A 99 6.49 17.55 -18.54
N ARG A 100 5.85 16.81 -19.46
CA ARG A 100 6.01 17.02 -20.89
C ARG A 100 4.79 17.50 -21.67
N TRP A 101 3.56 17.65 -21.12
CA TRP A 101 3.20 17.73 -19.71
C TRP A 101 2.94 16.39 -19.01
N TYR A 102 2.87 15.28 -19.75
CA TYR A 102 2.84 13.96 -19.12
C TYR A 102 4.16 13.70 -18.38
N PHE A 103 4.13 12.84 -17.38
CA PHE A 103 5.29 12.64 -16.50
C PHE A 103 6.16 11.53 -17.09
N ASP A 104 7.27 11.89 -17.74
CA ASP A 104 8.05 10.86 -18.43
C ASP A 104 9.22 10.32 -17.63
N LEU A 105 9.73 11.05 -16.64
CA LEU A 105 10.84 10.60 -15.80
C LEU A 105 10.48 10.90 -14.34
N TRP A 106 10.58 9.89 -13.46
CA TRP A 106 10.10 9.99 -12.07
C TRP A 106 11.22 9.81 -11.06
N GLY A 107 11.17 10.61 -9.98
CA GLY A 107 11.97 10.34 -8.82
C GLY A 107 11.45 9.14 -8.04
N ARG A 108 12.22 8.71 -7.05
CA ARG A 108 11.85 7.52 -6.30
C ARG A 108 10.89 7.81 -5.15
N GLY A 109 10.58 9.08 -4.90
CA GLY A 109 9.60 9.44 -3.89
C GLY A 109 10.24 9.81 -2.55
N THR A 110 9.57 10.70 -1.83
CA THR A 110 9.89 11.08 -0.44
C THR A 110 8.71 10.74 0.45
N LEU A 111 8.92 9.92 1.47
CA LEU A 111 7.85 9.63 2.43
C LEU A 111 7.80 10.74 3.47
N VAL A 112 6.60 11.29 3.66
CA VAL A 112 6.33 12.33 4.65
C VAL A 112 5.32 11.77 5.65
N THR A 113 5.69 11.74 6.92
CA THR A 113 4.78 11.36 7.98
C THR A 113 4.55 12.56 8.89
N VAL A 114 3.29 12.88 9.15
CA VAL A 114 2.91 14.02 9.97
C VAL A 114 2.05 13.48 11.09
N SER A 115 2.52 13.63 12.33
CA SER A 115 1.83 13.07 13.48
C SER A 115 2.30 13.74 14.74
N SER A 116 1.41 13.81 15.73
CA SER A 116 1.80 14.24 17.07
C SER A 116 2.56 13.15 17.84
N ALA A 117 2.58 11.92 17.34
CA ALA A 117 3.31 10.83 17.97
C ALA A 117 4.81 11.12 17.98
N SER A 118 5.50 10.50 18.92
CA SER A 118 6.94 10.57 19.04
C SER A 118 7.55 9.19 18.79
N THR A 119 8.84 9.19 18.42
CA THR A 119 9.53 7.93 18.11
C THR A 119 9.35 6.92 19.23
N LYS A 120 8.96 5.69 18.86
CA LYS A 120 8.73 4.62 19.83
C LYS A 120 9.02 3.27 19.19
N GLY A 121 9.79 2.44 19.87
CA GLY A 121 10.06 1.10 19.40
C GLY A 121 8.88 0.16 19.65
N PRO A 122 8.79 -0.93 18.89
CA PRO A 122 7.65 -1.83 19.02
C PRO A 122 7.79 -2.78 20.19
N SER A 123 6.63 -3.23 20.65
CA SER A 123 6.52 -4.42 21.48
C SER A 123 6.26 -5.59 20.53
N VAL A 124 6.85 -6.74 20.83
CA VAL A 124 6.72 -7.91 19.98
C VAL A 124 6.11 -9.02 20.81
N PHE A 125 4.92 -9.47 20.43
CA PHE A 125 4.26 -10.52 21.16
C PHE A 125 4.08 -11.75 20.30
N PRO A 126 4.20 -12.93 20.88
CA PRO A 126 3.98 -14.15 20.10
C PRO A 126 2.52 -14.37 19.75
N LEU A 127 2.30 -14.92 18.56
CA LEU A 127 1.04 -15.51 18.15
C LEU A 127 1.29 -17.02 18.16
N ALA A 128 0.94 -17.65 19.25
CA ALA A 128 1.39 -19.00 19.51
C ALA A 128 0.55 -20.02 18.75
N PRO A 129 1.17 -21.10 18.25
CA PRO A 129 0.34 -22.12 17.58
C PRO A 129 -0.55 -22.89 18.54
N GLY A 136 -5.87 -29.83 9.09
CA GLY A 136 -5.25 -30.27 10.34
C GLY A 136 -3.77 -30.57 10.19
N GLY A 137 -3.30 -30.58 8.94
CA GLY A 137 -1.88 -30.79 8.70
C GLY A 137 -1.04 -29.55 8.96
N THR A 138 -1.58 -28.37 8.66
CA THR A 138 -0.85 -27.12 8.77
C THR A 138 -1.12 -26.43 10.10
N ALA A 139 -0.09 -25.83 10.67
CA ALA A 139 -0.23 -24.97 11.84
C ALA A 139 0.21 -23.57 11.47
N ALA A 140 -0.32 -22.58 12.15
CA ALA A 140 0.08 -21.20 11.91
C ALA A 140 0.61 -20.61 13.21
N LEU A 141 1.64 -19.77 13.11
CA LEU A 141 2.18 -19.04 14.24
C LEU A 141 2.68 -17.71 13.72
N GLY A 142 3.02 -16.81 14.62
CA GLY A 142 3.47 -15.51 14.15
C GLY A 142 3.93 -14.62 15.28
N CYS A 143 4.15 -13.35 14.93
N CYS A 143 4.11 -13.35 14.95
CA CYS A 143 4.49 -12.30 15.88
CA CYS A 143 4.40 -12.35 15.96
C CYS A 143 3.63 -11.08 15.60
C CYS A 143 3.66 -11.08 15.63
N LEU A 144 3.16 -10.45 16.68
CA LEU A 144 2.41 -9.21 16.58
C LEU A 144 3.37 -8.11 16.97
N VAL A 145 3.61 -7.18 16.06
CA VAL A 145 4.58 -6.09 16.23
C VAL A 145 3.76 -4.82 16.46
N LYS A 146 3.64 -4.41 17.72
CA LYS A 146 2.61 -3.45 18.10
C LYS A 146 3.23 -2.16 18.63
N ASP A 147 2.60 -1.04 18.26
CA ASP A 147 2.79 0.24 18.94
C ASP A 147 4.18 0.84 18.68
N TYR A 148 4.49 1.03 17.41
CA TYR A 148 5.74 1.66 17.04
C TYR A 148 5.49 2.90 16.19
N PHE A 149 6.51 3.74 16.13
CA PHE A 149 6.41 4.96 15.35
C PHE A 149 7.81 5.50 15.10
N PRO A 150 8.12 5.99 13.89
CA PRO A 150 7.31 5.96 12.68
C PRO A 150 7.53 4.63 11.97
N GLU A 151 7.02 4.51 10.76
CA GLU A 151 7.41 3.39 9.93
C GLU A 151 8.85 3.59 9.46
N PRO A 152 9.55 2.50 9.09
CA PRO A 152 9.09 1.12 9.03
C PRO A 152 9.75 0.20 10.04
N VAL A 153 9.16 -0.97 10.19
CA VAL A 153 9.82 -2.11 10.81
C VAL A 153 10.13 -3.10 9.70
N THR A 154 11.12 -3.94 9.95
CA THR A 154 11.39 -5.12 9.13
C THR A 154 11.24 -6.36 10.02
N VAL A 155 10.71 -7.43 9.43
CA VAL A 155 10.56 -8.69 10.13
C VAL A 155 11.14 -9.80 9.26
N SER A 156 11.94 -10.66 9.88
CA SER A 156 12.37 -11.90 9.26
C SER A 156 12.06 -13.04 10.24
N TRP A 157 12.16 -14.28 9.74
CA TRP A 157 12.00 -15.48 10.56
C TRP A 157 13.25 -16.33 10.51
N ASN A 158 13.70 -16.77 11.69
CA ASN A 158 14.89 -17.61 11.78
C ASN A 158 16.07 -16.97 11.05
N SER A 159 16.22 -15.67 11.24
CA SER A 159 17.30 -14.88 10.63
C SER A 159 17.28 -14.98 9.10
N GLY A 160 16.11 -15.14 8.51
CA GLY A 160 15.96 -15.19 7.08
C GLY A 160 15.98 -16.57 6.46
N ALA A 161 16.22 -17.62 7.25
CA ALA A 161 16.22 -18.97 6.72
C ALA A 161 14.81 -19.52 6.50
N LEU A 162 13.79 -18.86 7.03
CA LEU A 162 12.41 -19.29 6.86
C LEU A 162 11.69 -18.19 6.09
N THR A 163 11.37 -18.47 4.82
CA THR A 163 10.69 -17.47 4.00
C THR A 163 9.42 -18.04 3.38
N SER A 164 9.39 -19.34 3.10
CA SER A 164 8.23 -19.92 2.46
C SER A 164 7.08 -19.98 3.44
N GLY A 165 5.92 -19.51 3.02
CA GLY A 165 4.78 -19.50 3.91
C GLY A 165 4.68 -18.30 4.85
N VAL A 166 5.62 -17.35 4.75
CA VAL A 166 5.61 -16.15 5.59
C VAL A 166 4.72 -15.09 4.95
N HIS A 167 3.80 -14.54 5.74
CA HIS A 167 3.03 -13.35 5.36
C HIS A 167 3.31 -12.26 6.39
N THR A 168 4.05 -11.24 5.97
CA THR A 168 4.22 -10.05 6.80
C THR A 168 3.29 -8.98 6.24
N PHE A 169 2.24 -8.70 7.00
CA PHE A 169 1.16 -7.88 6.53
C PHE A 169 1.54 -6.40 6.51
N PRO A 170 0.90 -5.61 5.65
CA PRO A 170 1.08 -4.16 5.72
C PRO A 170 0.71 -3.64 7.09
N ALA A 171 1.46 -2.65 7.55
CA ALA A 171 1.13 -1.99 8.80
C ALA A 171 -0.22 -1.29 8.74
N VAL A 172 -0.85 -1.18 9.91
CA VAL A 172 -2.03 -0.35 10.08
C VAL A 172 -1.70 0.77 11.07
N LEU A 173 -2.32 1.92 10.86
CA LEU A 173 -2.19 3.03 11.78
C LEU A 173 -3.33 2.97 12.79
N GLN A 174 -2.98 2.82 14.07
CA GLN A 174 -3.98 2.70 15.12
C GLN A 174 -4.55 4.07 15.48
N SER A 175 -5.72 4.05 16.15
CA SER A 175 -6.33 5.29 16.59
C SER A 175 -5.42 6.05 17.53
N SER A 176 -4.54 5.33 18.23
CA SER A 176 -3.58 5.93 19.14
C SER A 176 -2.54 6.76 18.42
N GLY A 177 -2.41 6.59 17.11
CA GLY A 177 -1.34 7.19 16.35
C GLY A 177 -0.09 6.35 16.20
N LEU A 178 -0.08 5.13 16.77
CA LEU A 178 1.04 4.22 16.60
C LEU A 178 0.66 3.13 15.61
N TYR A 179 1.67 2.61 14.92
CA TYR A 179 1.50 1.54 13.92
C TYR A 179 1.58 0.17 14.57
N SER A 180 1.00 -0.80 13.88
CA SER A 180 1.07 -2.20 14.30
C SER A 180 1.02 -3.08 13.06
N LEU A 181 1.74 -4.21 13.11
CA LEU A 181 1.58 -5.20 12.05
C LEU A 181 1.77 -6.59 12.65
N SER A 182 1.33 -7.59 11.89
N SER A 182 1.31 -7.59 11.91
CA SER A 182 1.54 -8.98 12.24
CA SER A 182 1.55 -8.98 12.24
C SER A 182 2.33 -9.66 11.14
C SER A 182 2.37 -9.64 11.14
N SER A 183 3.17 -10.61 11.53
CA SER A 183 3.88 -11.49 10.62
C SER A 183 3.54 -12.90 11.02
N VAL A 184 3.05 -13.70 10.07
CA VAL A 184 2.64 -15.06 10.36
C VAL A 184 3.36 -15.99 9.41
N VAL A 185 3.38 -17.27 9.77
CA VAL A 185 3.94 -18.29 8.90
C VAL A 185 3.18 -19.57 9.16
N THR A 186 2.94 -20.33 8.09
CA THR A 186 2.33 -21.63 8.24
C THR A 186 3.41 -22.69 8.09
N VAL A 187 3.34 -23.68 8.98
CA VAL A 187 4.36 -24.72 9.06
C VAL A 187 3.67 -26.06 9.24
N PRO A 188 4.39 -27.16 9.02
CA PRO A 188 3.83 -28.46 9.36
C PRO A 188 3.54 -28.55 10.86
N SER A 189 2.34 -29.03 11.19
CA SER A 189 2.02 -29.30 12.59
C SER A 189 3.09 -30.17 13.25
N SER A 190 3.61 -31.16 12.51
CA SER A 190 4.61 -32.08 13.07
C SER A 190 5.90 -31.39 13.51
N SER A 191 6.19 -30.19 13.01
CA SER A 191 7.43 -29.50 13.34
C SER A 191 7.37 -28.74 14.66
N LEU A 192 6.20 -28.58 15.25
CA LEU A 192 6.09 -27.74 16.44
C LEU A 192 6.92 -28.30 17.60
N GLY A 193 6.97 -29.61 17.73
CA GLY A 193 7.80 -30.16 18.80
C GLY A 193 9.30 -30.04 18.56
N THR A 194 9.74 -29.78 17.33
CA THR A 194 11.08 -30.17 16.93
C THR A 194 11.91 -29.06 16.31
N GLN A 195 11.29 -28.00 15.80
CA GLN A 195 11.98 -26.87 15.23
C GLN A 195 11.72 -25.65 16.10
N THR A 196 12.67 -24.73 16.09
CA THR A 196 12.52 -23.46 16.79
C THR A 196 12.12 -22.38 15.78
N TYR A 197 11.15 -21.54 16.17
CA TYR A 197 10.69 -20.45 15.33
C TYR A 197 10.90 -19.15 16.09
N ILE A 198 11.64 -18.24 15.48
CA ILE A 198 11.99 -16.96 16.07
C ILE A 198 11.70 -15.88 15.04
N CYS A 199 10.96 -14.85 15.45
CA CYS A 199 10.77 -13.69 14.59
C CYS A 199 11.80 -12.63 14.99
N ASN A 200 12.49 -12.08 14.00
CA ASN A 200 13.51 -11.06 14.18
C ASN A 200 12.93 -9.72 13.72
N VAL A 201 12.81 -8.76 14.63
CA VAL A 201 12.19 -7.48 14.34
C VAL A 201 13.21 -6.37 14.55
N ASN A 202 13.33 -5.47 13.57
CA ASN A 202 14.22 -4.32 13.62
C ASN A 202 13.40 -3.06 13.35
N HIS A 203 13.54 -2.05 14.22
CA HIS A 203 12.91 -0.74 14.06
C HIS A 203 14.02 0.29 14.14
N LYS A 204 14.52 0.67 12.98
CA LYS A 204 15.74 1.47 12.91
C LYS A 204 15.54 2.88 13.50
N PRO A 205 14.40 3.53 13.27
CA PRO A 205 14.20 4.86 13.89
C PRO A 205 14.44 4.89 15.38
N SER A 206 14.14 3.81 16.11
CA SER A 206 14.36 3.77 17.56
C SER A 206 15.51 2.87 17.96
N ASN A 207 16.27 2.35 16.99
CA ASN A 207 17.44 1.51 17.27
C ASN A 207 17.05 0.27 18.10
N THR A 208 15.92 -0.34 17.79
CA THR A 208 15.45 -1.52 18.51
C THR A 208 15.61 -2.74 17.62
N LYS A 209 16.20 -3.78 18.19
CA LYS A 209 16.24 -5.11 17.59
C LYS A 209 15.70 -6.09 18.62
N VAL A 210 14.75 -6.91 18.20
CA VAL A 210 14.01 -7.80 19.08
C VAL A 210 13.90 -9.15 18.40
N ASP A 211 14.23 -10.20 19.13
CA ASP A 211 14.01 -11.57 18.70
C ASP A 211 13.04 -12.21 19.68
N LYS A 212 11.96 -12.77 19.16
CA LYS A 212 10.97 -13.44 20.00
C LYS A 212 10.84 -14.88 19.55
N ARG A 213 11.12 -15.80 20.47
CA ARG A 213 10.85 -17.20 20.24
C ARG A 213 9.34 -17.44 20.40
N VAL A 214 8.75 -18.12 19.42
CA VAL A 214 7.31 -18.38 19.41
C VAL A 214 7.12 -19.87 19.65
N GLU A 215 6.67 -20.22 20.85
CA GLU A 215 6.50 -21.57 21.34
C GLU A 215 5.03 -21.97 21.37
N PRO A 216 4.68 -23.25 21.09
CA PRO A 216 3.29 -23.66 21.22
C PRO A 216 2.70 -23.55 22.62
N GLU B 1 -12.95 20.59 -13.43
CA GLU B 1 -11.81 19.75 -13.89
C GLU B 1 -12.36 18.54 -14.62
N ILE B 2 -11.49 17.90 -15.40
CA ILE B 2 -11.86 16.69 -16.13
C ILE B 2 -11.73 15.51 -15.17
N VAL B 3 -12.78 14.73 -15.03
CA VAL B 3 -12.77 13.51 -14.24
C VAL B 3 -12.57 12.35 -15.19
N LEU B 4 -11.61 11.48 -14.85
CA LEU B 4 -11.32 10.27 -15.61
C LEU B 4 -11.81 9.06 -14.84
N THR B 5 -12.62 8.23 -15.50
CA THR B 5 -13.19 7.02 -14.93
C THR B 5 -12.49 5.82 -15.54
N GLN B 6 -11.88 5.00 -14.70
CA GLN B 6 -11.21 3.80 -15.16
C GLN B 6 -12.07 2.60 -14.84
N SER B 7 -12.22 1.72 -15.84
CA SER B 7 -12.91 0.45 -15.63
C SER B 7 -12.17 -0.69 -16.30
N PRO B 8 -12.44 -1.92 -15.88
CA PRO B 8 -13.16 -2.10 -14.60
C PRO B 8 -12.20 -1.67 -13.49
N GLY B 9 -12.56 -1.74 -12.21
CA GLY B 9 -11.59 -1.42 -11.17
C GLY B 9 -10.52 -2.50 -11.05
N THR B 10 -10.90 -3.75 -11.32
CA THR B 10 -10.00 -4.89 -11.28
C THR B 10 -10.29 -5.81 -12.46
N LEU B 11 -9.22 -6.24 -13.12
CA LEU B 11 -9.28 -7.25 -14.17
C LEU B 11 -8.58 -8.50 -13.67
N SER B 12 -9.21 -9.66 -13.86
CA SER B 12 -8.66 -10.93 -13.42
C SER B 12 -8.42 -11.79 -14.66
N LEU B 13 -7.16 -12.01 -14.98
CA LEU B 13 -6.79 -12.67 -16.24
C LEU B 13 -5.63 -13.64 -16.01
N SER B 14 -5.37 -14.48 -17.06
CA SER B 14 -4.28 -15.44 -17.00
C SER B 14 -3.05 -14.96 -17.75
N PRO B 15 -1.88 -15.45 -17.36
CA PRO B 15 -0.65 -15.20 -18.11
C PRO B 15 -0.85 -15.52 -19.59
N GLY B 16 -0.31 -14.64 -20.44
CA GLY B 16 -0.40 -14.82 -21.88
C GLY B 16 -1.60 -14.17 -22.51
N GLU B 17 -2.63 -13.85 -21.73
CA GLU B 17 -3.87 -13.29 -22.26
C GLU B 17 -3.77 -11.78 -22.43
N ARG B 18 -4.79 -11.21 -23.07
CA ARG B 18 -4.85 -9.78 -23.36
C ARG B 18 -5.66 -9.06 -22.28
N ALA B 19 -5.09 -7.99 -21.74
CA ALA B 19 -5.82 -7.07 -20.88
C ALA B 19 -6.20 -5.83 -21.67
N THR B 20 -7.47 -5.44 -21.60
CA THR B 20 -7.92 -4.19 -22.19
C THR B 20 -8.52 -3.32 -21.08
N LEU B 21 -7.88 -2.19 -20.83
CA LEU B 21 -8.23 -1.27 -19.75
C LEU B 21 -8.86 -0.02 -20.35
N SER B 22 -9.92 0.48 -19.69
CA SER B 22 -10.67 1.62 -20.20
C SER B 22 -10.46 2.89 -19.39
N CYS B 23 -10.46 4.05 -20.06
N CYS B 23 -10.34 3.99 -20.12
CA CYS B 23 -10.37 5.34 -19.38
CA CYS B 23 -10.40 5.31 -19.54
C CYS B 23 -11.30 6.29 -20.10
C CYS B 23 -11.52 6.08 -20.21
N ARG B 24 -12.38 6.70 -19.41
CA ARG B 24 -13.42 7.54 -19.97
C ARG B 24 -13.35 8.90 -19.30
N ALA B 25 -13.41 9.96 -20.11
CA ALA B 25 -13.28 11.32 -19.60
C ALA B 25 -14.63 12.02 -19.59
N SER B 26 -14.84 12.86 -18.58
CA SER B 26 -16.09 13.57 -18.41
C SER B 26 -16.28 14.70 -19.43
N GLN B 27 -15.17 15.19 -20.00
CA GLN B 27 -15.14 16.19 -21.06
C GLN B 27 -14.07 15.74 -22.05
N SER B 28 -14.19 16.19 -23.30
CA SER B 28 -13.30 15.70 -24.35
C SER B 28 -11.87 16.18 -24.07
N VAL B 29 -10.91 15.28 -24.26
CA VAL B 29 -9.49 15.58 -24.05
C VAL B 29 -8.92 15.97 -25.41
N SER B 30 -8.30 17.14 -25.49
CA SER B 30 -7.82 17.64 -26.77
C SER B 30 -6.53 16.96 -27.19
N SER B 31 -6.37 16.78 -28.49
CA SER B 31 -5.10 16.38 -29.10
C SER B 31 -4.60 15.01 -28.62
N SER B 32 -5.50 14.16 -28.11
CA SER B 32 -5.14 12.85 -27.61
C SER B 32 -4.11 12.94 -26.49
N TYR B 33 -4.20 13.99 -25.67
CA TYR B 33 -3.26 14.20 -24.55
C TYR B 33 -3.69 13.35 -23.34
N LEU B 34 -3.55 12.03 -23.53
CA LEU B 34 -3.87 11.04 -22.51
C LEU B 34 -2.68 10.10 -22.35
N ALA B 35 -2.19 9.98 -21.13
CA ALA B 35 -1.05 9.13 -20.80
C ALA B 35 -1.49 7.97 -19.91
N TRP B 36 -0.70 6.87 -19.96
CA TRP B 36 -0.88 5.72 -19.09
C TRP B 36 0.42 5.40 -18.35
N TYR B 37 0.25 5.03 -17.08
CA TYR B 37 1.35 4.71 -16.17
C TYR B 37 1.10 3.35 -15.55
N GLN B 38 2.18 2.65 -15.21
CA GLN B 38 2.18 1.41 -14.44
C GLN B 38 2.80 1.68 -13.07
N GLN B 39 2.23 1.07 -12.04
CA GLN B 39 2.85 1.09 -10.73
C GLN B 39 2.82 -0.30 -10.14
N LYS B 40 3.98 -0.77 -9.72
CA LYS B 40 4.15 -2.00 -8.97
C LYS B 40 4.28 -1.70 -7.48
N PRO B 41 3.99 -2.66 -6.60
CA PRO B 41 4.04 -2.35 -5.17
C PRO B 41 5.43 -1.92 -4.73
N GLY B 42 5.49 -0.87 -3.92
CA GLY B 42 6.73 -0.38 -3.40
C GLY B 42 7.57 0.44 -4.36
N GLN B 43 7.08 0.70 -5.56
CA GLN B 43 7.83 1.41 -6.58
C GLN B 43 7.08 2.66 -7.05
N ALA B 44 7.85 3.60 -7.58
CA ALA B 44 7.26 4.75 -8.24
C ALA B 44 6.54 4.33 -9.53
N PRO B 45 5.55 5.11 -9.95
CA PRO B 45 4.94 4.87 -11.26
C PRO B 45 5.97 5.06 -12.37
N ARG B 46 5.67 4.46 -13.54
CA ARG B 46 6.45 4.72 -14.74
C ARG B 46 5.52 4.90 -15.94
N LEU B 47 5.96 5.76 -16.86
CA LEU B 47 5.20 6.02 -18.07
C LEU B 47 5.25 4.84 -19.04
N LEU B 48 4.07 4.49 -19.57
CA LEU B 48 3.91 3.48 -20.62
C LEU B 48 3.60 4.10 -21.98
N ILE B 49 2.61 4.99 -22.01
CA ILE B 49 2.01 5.50 -23.22
C ILE B 49 1.79 6.99 -23.04
N TYR B 50 2.06 7.78 -24.08
CA TYR B 50 1.67 9.18 -24.13
C TYR B 50 1.00 9.45 -25.47
N GLY B 51 0.30 10.58 -25.56
CA GLY B 51 -0.40 10.88 -26.79
C GLY B 51 -1.41 9.84 -27.19
N ALA B 52 -2.00 9.16 -26.20
CA ALA B 52 -2.98 8.07 -26.31
C ALA B 52 -2.43 6.80 -26.94
N SER B 53 -1.48 6.90 -27.86
CA SER B 53 -1.06 5.71 -28.60
C SER B 53 0.44 5.56 -28.78
N SER B 54 1.26 6.46 -28.25
CA SER B 54 2.69 6.38 -28.45
C SER B 54 3.36 5.68 -27.27
N ARG B 55 4.23 4.71 -27.56
CA ARG B 55 4.99 4.03 -26.51
C ARG B 55 6.12 4.92 -25.98
N ALA B 56 6.25 4.98 -24.67
CA ALA B 56 7.39 5.65 -24.07
C ALA B 56 8.69 4.90 -24.36
N THR B 57 9.80 5.62 -24.18
CA THR B 57 11.11 5.05 -24.48
C THR B 57 11.34 3.78 -23.67
N GLY B 58 11.78 2.72 -24.34
CA GLY B 58 12.06 1.48 -23.66
C GLY B 58 10.87 0.58 -23.37
N ILE B 59 9.66 0.97 -23.74
CA ILE B 59 8.46 0.19 -23.43
C ILE B 59 8.24 -0.86 -24.51
N PRO B 60 7.99 -2.11 -24.14
CA PRO B 60 7.91 -3.17 -25.14
C PRO B 60 6.59 -3.17 -25.92
N ASP B 61 6.62 -3.86 -27.07
CA ASP B 61 5.55 -3.78 -28.03
C ASP B 61 4.23 -4.33 -27.51
N ARG B 62 4.25 -5.15 -26.47
CA ARG B 62 2.97 -5.67 -25.99
C ARG B 62 2.08 -4.60 -25.36
N PHE B 63 2.60 -3.41 -25.02
CA PHE B 63 1.78 -2.30 -24.55
C PHE B 63 1.41 -1.42 -25.71
N SER B 64 0.11 -1.15 -25.85
CA SER B 64 -0.38 -0.24 -26.86
C SER B 64 -1.54 0.57 -26.29
N GLY B 65 -1.85 1.68 -26.94
CA GLY B 65 -2.98 2.50 -26.54
C GLY B 65 -3.72 3.03 -27.75
N SER B 66 -4.99 3.39 -27.54
CA SER B 66 -5.78 3.98 -28.60
C SER B 66 -6.91 4.80 -27.99
N GLY B 67 -7.55 5.58 -28.84
CA GLY B 67 -8.71 6.35 -28.47
C GLY B 67 -8.52 7.84 -28.72
N SER B 68 -9.61 8.57 -28.50
CA SER B 68 -9.62 10.02 -28.67
C SER B 68 -10.86 10.57 -27.99
N GLY B 69 -10.86 11.87 -27.75
CA GLY B 69 -12.08 12.50 -27.26
C GLY B 69 -12.33 12.12 -25.82
N THR B 70 -13.34 11.26 -25.58
CA THR B 70 -13.66 10.88 -24.20
C THR B 70 -13.40 9.42 -23.89
N ASP B 71 -12.95 8.62 -24.85
N ASP B 71 -12.98 8.63 -24.87
CA ASP B 71 -12.87 7.17 -24.66
CA ASP B 71 -12.84 7.18 -24.71
C ASP B 71 -11.51 6.66 -25.11
C ASP B 71 -11.44 6.77 -25.10
N PHE B 72 -10.72 6.15 -24.16
CA PHE B 72 -9.38 5.67 -24.39
C PHE B 72 -9.19 4.27 -23.84
N THR B 73 -8.28 3.51 -24.47
CA THR B 73 -7.98 2.15 -24.06
C THR B 73 -6.46 1.95 -23.94
N LEU B 74 -6.07 1.16 -22.94
CA LEU B 74 -4.72 0.60 -22.85
C LEU B 74 -4.83 -0.90 -23.08
N THR B 75 -3.96 -1.43 -23.94
CA THR B 75 -3.91 -2.86 -24.20
C THR B 75 -2.57 -3.40 -23.72
N ILE B 76 -2.60 -4.47 -22.94
CA ILE B 76 -1.42 -5.27 -22.66
C ILE B 76 -1.67 -6.59 -23.39
N SER B 77 -1.03 -6.84 -24.53
CA SER B 77 -1.57 -7.87 -25.41
C SER B 77 -1.22 -9.29 -24.97
N ARG B 78 -0.20 -9.45 -24.15
CA ARG B 78 0.25 -10.77 -23.70
C ARG B 78 0.77 -10.58 -22.28
N LEU B 79 -0.01 -10.99 -21.30
CA LEU B 79 0.33 -10.65 -19.92
C LEU B 79 1.53 -11.46 -19.44
N GLU B 80 2.59 -10.76 -19.13
CA GLU B 80 3.77 -11.34 -18.52
C GLU B 80 3.72 -11.19 -17.01
N PRO B 81 4.52 -11.96 -16.25
CA PRO B 81 4.35 -11.93 -14.79
C PRO B 81 4.51 -10.53 -14.22
N GLU B 82 5.43 -9.74 -14.79
CA GLU B 82 5.66 -8.38 -14.33
C GLU B 82 4.45 -7.46 -14.52
N ASP B 83 3.53 -7.80 -15.43
CA ASP B 83 2.45 -6.92 -15.84
C ASP B 83 1.25 -6.92 -14.89
N PHE B 84 1.20 -7.83 -13.93
CA PHE B 84 0.12 -7.83 -12.96
C PHE B 84 0.44 -6.76 -11.93
N ALA B 85 -0.21 -5.60 -12.08
CA ALA B 85 0.17 -4.36 -11.45
C ALA B 85 -1.05 -3.44 -11.49
N VAL B 86 -0.87 -2.19 -11.05
CA VAL B 86 -1.92 -1.18 -11.15
C VAL B 86 -1.57 -0.21 -12.26
N TYR B 87 -2.60 0.22 -12.98
CA TYR B 87 -2.44 1.10 -14.14
C TYR B 87 -3.31 2.33 -13.96
N TYR B 88 -2.72 3.50 -14.25
CA TYR B 88 -3.39 4.79 -14.13
C TYR B 88 -3.37 5.52 -15.47
N CYS B 89 -4.51 6.12 -15.85
N CYS B 89 -4.50 6.11 -15.83
CA CYS B 89 -4.52 7.08 -16.96
CA CYS B 89 -4.52 7.08 -16.91
C CYS B 89 -4.51 8.50 -16.40
C CYS B 89 -4.32 8.48 -16.33
N GLN B 90 -4.01 9.43 -17.22
CA GLN B 90 -3.90 10.83 -16.84
C GLN B 90 -4.15 11.66 -18.10
N GLN B 91 -4.96 12.70 -18.00
CA GLN B 91 -5.06 13.68 -19.07
C GLN B 91 -4.15 14.86 -18.75
N TYR B 92 -3.41 15.32 -19.75
CA TYR B 92 -2.47 16.41 -19.58
C TYR B 92 -2.77 17.55 -20.56
N ASP B 93 -4.06 17.67 -20.89
CA ASP B 93 -4.56 18.76 -21.72
C ASP B 93 -4.83 20.01 -20.88
N SER B 94 -5.76 19.90 -19.93
CA SER B 94 -6.29 21.04 -19.19
C SER B 94 -5.84 20.95 -17.74
N SER B 95 -5.19 22.00 -17.24
CA SER B 95 -4.86 22.04 -15.82
C SER B 95 -6.16 22.14 -15.02
N PRO B 96 -6.33 21.36 -13.95
CA PRO B 96 -5.40 20.37 -13.37
C PRO B 96 -5.30 19.06 -14.14
N LEU B 97 -4.10 18.48 -14.23
CA LEU B 97 -3.84 17.31 -15.07
C LEU B 97 -4.16 16.01 -14.32
N THR B 98 -5.44 15.70 -14.29
CA THR B 98 -6.03 14.70 -13.41
C THR B 98 -5.67 13.28 -13.82
N PHE B 99 -5.51 12.45 -12.80
CA PHE B 99 -5.39 11.00 -12.93
C PHE B 99 -6.75 10.30 -12.78
N GLY B 100 -6.89 9.17 -13.46
CA GLY B 100 -7.92 8.22 -13.12
C GLY B 100 -7.62 7.51 -11.80
N GLY B 101 -8.61 6.74 -11.34
CA GLY B 101 -8.49 6.12 -10.03
C GLY B 101 -7.75 4.81 -9.98
N GLY B 102 -7.30 4.30 -11.12
CA GLY B 102 -6.52 3.08 -11.19
C GLY B 102 -7.33 1.84 -11.52
N THR B 103 -6.73 0.94 -12.31
CA THR B 103 -7.25 -0.41 -12.53
C THR B 103 -6.15 -1.40 -12.14
N LYS B 104 -6.50 -2.40 -11.33
CA LYS B 104 -5.59 -3.46 -10.97
C LYS B 104 -5.80 -4.64 -11.91
N VAL B 105 -4.71 -5.17 -12.44
CA VAL B 105 -4.73 -6.41 -13.21
C VAL B 105 -4.14 -7.49 -12.33
N GLU B 106 -4.95 -8.48 -11.97
CA GLU B 106 -4.57 -9.57 -11.09
C GLU B 106 -4.63 -10.89 -11.83
N ILE B 107 -3.98 -11.90 -11.24
CA ILE B 107 -3.95 -13.23 -11.81
C ILE B 107 -5.22 -13.96 -11.43
N LYS B 108 -5.93 -14.47 -12.43
CA LYS B 108 -7.06 -15.34 -12.19
C LYS B 108 -6.60 -16.77 -11.96
N ARG B 109 -7.21 -17.42 -10.97
CA ARG B 109 -6.93 -18.81 -10.64
C ARG B 109 -8.22 -19.42 -10.12
N THR B 110 -8.19 -20.73 -9.86
CA THR B 110 -9.35 -21.42 -9.33
C THR B 110 -9.70 -20.90 -7.93
N VAL B 111 -10.96 -21.06 -7.54
CA VAL B 111 -11.39 -20.66 -6.20
C VAL B 111 -10.60 -21.46 -5.18
N ALA B 112 -10.14 -20.78 -4.14
CA ALA B 112 -9.47 -21.41 -3.01
C ALA B 112 -10.04 -20.86 -1.71
N ALA B 113 -10.57 -21.76 -0.88
CA ALA B 113 -11.11 -21.34 0.41
C ALA B 113 -9.99 -20.99 1.36
N PRO B 114 -10.24 -20.04 2.26
CA PRO B 114 -9.23 -19.72 3.28
C PRO B 114 -9.17 -20.82 4.31
N SER B 115 -7.97 -21.04 4.85
CA SER B 115 -7.84 -21.71 6.13
C SER B 115 -7.82 -20.60 7.18
N VAL B 116 -8.46 -20.85 8.32
CA VAL B 116 -8.74 -19.82 9.29
C VAL B 116 -8.09 -20.20 10.60
N PHE B 117 -7.43 -19.23 11.24
CA PHE B 117 -6.72 -19.45 12.51
C PHE B 117 -7.01 -18.29 13.44
N ILE B 118 -7.20 -18.56 14.73
CA ILE B 118 -7.39 -17.51 15.72
C ILE B 118 -6.33 -17.63 16.80
N PHE B 119 -5.86 -16.47 17.29
CA PHE B 119 -4.77 -16.39 18.28
C PHE B 119 -5.24 -15.57 19.46
N PRO B 120 -5.34 -16.14 20.65
CA PRO B 120 -5.64 -15.34 21.83
C PRO B 120 -4.47 -14.42 22.13
N PRO B 121 -4.68 -13.43 23.00
CA PRO B 121 -3.56 -12.58 23.39
C PRO B 121 -2.54 -13.35 24.19
N SER B 122 -1.31 -12.88 24.10
CA SER B 122 -0.23 -13.47 24.86
C SER B 122 -0.27 -13.00 26.31
N ASP B 123 0.21 -13.85 27.22
CA ASP B 123 0.31 -13.42 28.60
C ASP B 123 1.20 -12.20 28.73
N GLU B 124 2.24 -12.10 27.89
CA GLU B 124 3.14 -10.95 27.94
C GLU B 124 2.37 -9.65 27.67
N GLN B 125 1.52 -9.64 26.64
CA GLN B 125 0.72 -8.46 26.35
C GLN B 125 -0.31 -8.21 27.45
N LEU B 126 -0.97 -9.25 27.93
CA LEU B 126 -1.96 -9.08 28.99
C LEU B 126 -1.36 -8.40 30.21
N LYS B 127 -0.10 -8.73 30.57
CA LYS B 127 0.55 -8.05 31.69
C LYS B 127 0.57 -6.54 31.53
N SER B 128 0.67 -6.07 30.29
CA SER B 128 0.78 -4.65 29.98
C SER B 128 -0.55 -3.91 29.97
N GLY B 129 -1.68 -4.63 30.04
CA GLY B 129 -2.99 -3.99 30.15
C GLY B 129 -3.84 -3.97 28.89
N THR B 130 -3.42 -4.64 27.82
CA THR B 130 -4.15 -4.65 26.57
C THR B 130 -4.27 -6.08 26.08
N ALA B 131 -5.29 -6.34 25.26
CA ALA B 131 -5.54 -7.65 24.71
C ALA B 131 -5.80 -7.51 23.22
N SER B 132 -4.94 -8.10 22.40
CA SER B 132 -5.13 -8.16 20.96
C SER B 132 -5.44 -9.60 20.58
N VAL B 133 -6.56 -9.80 19.89
CA VAL B 133 -6.96 -11.09 19.34
C VAL B 133 -6.78 -11.02 17.83
N VAL B 134 -6.11 -12.02 17.24
CA VAL B 134 -5.77 -12.00 15.83
C VAL B 134 -6.46 -13.15 15.13
N CYS B 135 -7.09 -12.85 14.00
CA CYS B 135 -7.70 -13.84 13.12
C CYS B 135 -6.98 -13.80 11.79
N LEU B 136 -6.54 -14.96 11.30
CA LEU B 136 -5.79 -15.08 10.05
C LEU B 136 -6.60 -15.88 9.06
N LEU B 137 -6.78 -15.34 7.86
CA LEU B 137 -7.34 -16.07 6.73
C LEU B 137 -6.21 -16.31 5.74
N ASN B 138 -5.85 -17.57 5.52
CA ASN B 138 -4.64 -17.91 4.79
C ASN B 138 -4.98 -18.45 3.41
N ASN B 139 -4.35 -17.84 2.39
CA ASN B 139 -4.27 -18.34 1.01
C ASN B 139 -5.64 -18.64 0.42
N PHE B 140 -6.38 -17.57 0.14
CA PHE B 140 -7.68 -17.69 -0.48
C PHE B 140 -7.73 -16.92 -1.80
N TYR B 141 -8.71 -17.28 -2.64
CA TYR B 141 -8.98 -16.64 -3.92
C TYR B 141 -10.44 -16.91 -4.28
N PRO B 142 -11.22 -15.92 -4.75
CA PRO B 142 -10.83 -14.53 -5.01
C PRO B 142 -10.68 -13.71 -3.71
N ARG B 143 -10.35 -12.42 -3.89
CA ARG B 143 -10.01 -11.56 -2.77
C ARG B 143 -11.21 -11.31 -1.87
N GLU B 144 -12.42 -11.29 -2.43
CA GLU B 144 -13.61 -11.01 -1.64
C GLU B 144 -13.79 -12.02 -0.53
N ALA B 145 -14.06 -11.52 0.67
CA ALA B 145 -14.26 -12.39 1.82
C ALA B 145 -14.91 -11.52 2.88
N LYS B 146 -15.54 -12.16 3.85
CA LYS B 146 -16.10 -11.42 4.97
C LYS B 146 -15.58 -12.01 6.26
N VAL B 147 -15.10 -11.16 7.16
CA VAL B 147 -14.73 -11.55 8.53
C VAL B 147 -15.56 -10.74 9.51
N GLN B 148 -16.09 -11.41 10.52
CA GLN B 148 -16.86 -10.78 11.57
C GLN B 148 -16.30 -11.25 12.90
N TRP B 149 -16.20 -10.34 13.84
CA TRP B 149 -15.82 -10.68 15.19
C TRP B 149 -17.06 -10.76 16.06
N LYS B 150 -17.07 -11.78 16.92
CA LYS B 150 -18.13 -11.96 17.89
C LYS B 150 -17.49 -12.14 19.25
N VAL B 151 -18.02 -11.45 20.24
CA VAL B 151 -17.61 -11.59 21.63
C VAL B 151 -18.85 -11.93 22.42
N ASP B 152 -18.85 -13.08 23.08
CA ASP B 152 -20.06 -13.61 23.71
C ASP B 152 -21.24 -13.53 22.73
N ASN B 153 -20.97 -13.86 21.47
CA ASN B 153 -21.94 -13.98 20.38
C ASN B 153 -22.52 -12.65 19.94
N ALA B 154 -21.94 -11.53 20.35
CA ALA B 154 -22.36 -10.20 19.90
C ALA B 154 -21.36 -9.68 18.87
N LEU B 155 -21.86 -9.15 17.76
CA LEU B 155 -21.00 -8.62 16.72
C LEU B 155 -20.26 -7.37 17.20
N GLN B 156 -19.01 -7.24 16.74
CA GLN B 156 -18.10 -6.17 17.11
C GLN B 156 -17.84 -5.27 15.92
N SER B 157 -18.11 -3.98 16.08
CA SER B 157 -17.76 -2.99 15.07
C SER B 157 -16.93 -1.89 15.71
N GLY B 158 -15.93 -1.41 14.98
CA GLY B 158 -15.19 -0.24 15.37
C GLY B 158 -13.95 -0.50 16.21
N ASN B 159 -13.71 -1.76 16.57
CA ASN B 159 -12.56 -2.07 17.43
C ASN B 159 -11.66 -3.11 16.78
N SER B 160 -11.72 -3.23 15.45
CA SER B 160 -10.81 -4.12 14.74
C SER B 160 -10.24 -3.42 13.52
N GLN B 161 -9.11 -3.93 13.06
CA GLN B 161 -8.44 -3.43 11.87
C GLN B 161 -7.97 -4.61 11.05
N GLU B 162 -8.00 -4.47 9.73
CA GLU B 162 -7.61 -5.54 8.84
C GLU B 162 -6.45 -5.11 7.95
N SER B 163 -5.73 -6.12 7.48
CA SER B 163 -4.63 -5.93 6.56
C SER B 163 -4.60 -7.10 5.58
N VAL B 164 -4.29 -6.83 4.30
CA VAL B 164 -4.32 -7.86 3.26
C VAL B 164 -2.99 -7.82 2.52
N THR B 165 -2.48 -9.01 2.19
CA THR B 165 -1.27 -9.11 1.41
C THR B 165 -1.54 -8.88 -0.08
N GLU B 166 -0.48 -8.56 -0.81
CA GLU B 166 -0.54 -8.66 -2.27
C GLU B 166 -0.66 -10.11 -2.70
N GLN B 167 -1.02 -10.30 -3.98
CA GLN B 167 -1.26 -11.65 -4.48
C GLN B 167 0.03 -12.49 -4.39
N ASP B 168 -0.10 -13.73 -3.93
CA ASP B 168 1.03 -14.64 -3.72
C ASP B 168 1.72 -15.03 -5.03
N SER B 169 3.06 -15.01 -5.02
CA SER B 169 3.80 -15.29 -6.24
C SER B 169 3.74 -16.76 -6.62
N LYS B 170 3.67 -17.67 -5.64
CA LYS B 170 3.66 -19.09 -5.95
C LYS B 170 2.27 -19.59 -6.32
N ASP B 171 1.21 -19.18 -5.60
CA ASP B 171 -0.10 -19.76 -5.83
C ASP B 171 -1.19 -18.74 -6.08
N SER B 172 -0.84 -17.45 -6.24
CA SER B 172 -1.77 -16.42 -6.69
C SER B 172 -2.92 -16.19 -5.72
N THR B 173 -2.74 -16.52 -4.45
CA THR B 173 -3.77 -16.28 -3.45
C THR B 173 -3.51 -15.01 -2.64
N TYR B 174 -4.48 -14.69 -1.79
CA TYR B 174 -4.42 -13.58 -0.85
C TYR B 174 -4.45 -14.14 0.57
N SER B 175 -3.94 -13.36 1.51
CA SER B 175 -4.11 -13.65 2.92
C SER B 175 -4.49 -12.35 3.64
N LEU B 176 -5.15 -12.50 4.78
CA LEU B 176 -5.75 -11.37 5.47
C LEU B 176 -5.65 -11.59 6.96
N SER B 177 -5.30 -10.54 7.69
CA SER B 177 -5.32 -10.57 9.15
C SER B 177 -6.35 -9.56 9.62
N SER B 178 -7.06 -9.90 10.68
CA SER B 178 -7.93 -8.97 11.40
C SER B 178 -7.53 -9.03 12.87
N THR B 179 -7.38 -7.88 13.48
CA THR B 179 -6.95 -7.76 14.87
C THR B 179 -8.00 -6.98 15.64
N LEU B 180 -8.54 -7.63 16.65
CA LEU B 180 -9.48 -7.04 17.60
C LEU B 180 -8.72 -6.64 18.85
N THR B 181 -8.79 -5.38 19.24
CA THR B 181 -8.02 -4.89 20.37
C THR B 181 -8.95 -4.32 21.45
N LEU B 182 -8.78 -4.82 22.66
CA LEU B 182 -9.51 -4.38 23.85
C LEU B 182 -8.53 -4.09 24.97
N SER B 183 -8.94 -3.22 25.89
CA SER B 183 -8.24 -3.13 27.16
C SER B 183 -8.35 -4.47 27.90
N LYS B 184 -7.37 -4.78 28.73
CA LYS B 184 -7.45 -6.00 29.50
C LYS B 184 -8.71 -6.03 30.36
N ALA B 185 -9.07 -4.90 30.97
CA ALA B 185 -10.28 -4.87 31.79
C ALA B 185 -11.51 -5.26 30.97
N ASP B 186 -11.58 -4.78 29.73
CA ASP B 186 -12.74 -5.10 28.91
C ASP B 186 -12.68 -6.55 28.43
N TYR B 187 -11.49 -7.01 28.06
CA TYR B 187 -11.30 -8.38 27.61
C TYR B 187 -11.75 -9.37 28.67
N GLU B 188 -11.47 -9.07 29.94
CA GLU B 188 -11.84 -9.99 31.00
C GLU B 188 -13.33 -9.94 31.34
N LYS B 189 -14.12 -9.04 30.75
CA LYS B 189 -15.57 -8.98 30.97
C LYS B 189 -16.34 -9.98 30.09
N HIS B 190 -15.64 -10.71 29.22
CA HIS B 190 -16.27 -11.60 28.26
C HIS B 190 -15.48 -12.90 28.14
N LYS B 191 -16.17 -13.93 27.66
CA LYS B 191 -15.60 -15.28 27.63
C LYS B 191 -15.31 -15.80 26.24
N VAL B 192 -16.28 -15.76 25.33
CA VAL B 192 -16.17 -16.45 24.05
C VAL B 192 -15.74 -15.43 23.01
N TYR B 193 -14.57 -15.66 22.43
CA TYR B 193 -14.02 -14.82 21.37
C TYR B 193 -13.98 -15.62 20.08
N ALA B 194 -14.60 -15.07 19.03
CA ALA B 194 -14.74 -15.84 17.80
C ALA B 194 -14.60 -14.96 16.58
N CYS B 195 -14.07 -15.57 15.52
N CYS B 195 -13.97 -15.49 15.54
CA CYS B 195 -13.93 -14.96 14.21
CA CYS B 195 -14.06 -14.83 14.24
C CYS B 195 -14.69 -15.81 13.20
C CYS B 195 -14.75 -15.78 13.27
N GLU B 196 -15.66 -15.20 12.51
CA GLU B 196 -16.48 -15.91 11.55
C GLU B 196 -16.14 -15.45 10.15
N VAL B 197 -15.89 -16.41 9.24
CA VAL B 197 -15.37 -16.16 7.90
C VAL B 197 -16.33 -16.72 6.88
N THR B 198 -16.69 -15.90 5.90
CA THR B 198 -17.45 -16.31 4.73
C THR B 198 -16.62 -16.07 3.48
N HIS B 199 -16.72 -16.99 2.53
CA HIS B 199 -15.95 -16.92 1.30
C HIS B 199 -16.58 -17.86 0.27
N GLN B 200 -16.45 -17.50 -1.00
CA GLN B 200 -17.01 -18.29 -2.09
C GLN B 200 -16.59 -19.76 -2.05
N GLY B 201 -15.39 -20.05 -1.58
CA GLY B 201 -14.87 -21.39 -1.52
C GLY B 201 -15.39 -22.21 -0.37
N LEU B 202 -16.13 -21.59 0.55
CA LEU B 202 -16.68 -22.26 1.72
C LEU B 202 -18.17 -22.53 1.48
N SER B 203 -18.61 -23.76 1.78
CA SER B 203 -20.01 -24.09 1.64
C SER B 203 -20.87 -23.42 2.71
N SER B 204 -20.29 -23.17 3.89
CA SER B 204 -20.94 -22.39 4.93
C SER B 204 -19.86 -21.65 5.69
N PRO B 205 -20.22 -20.66 6.50
CA PRO B 205 -19.19 -19.87 7.20
C PRO B 205 -18.39 -20.74 8.16
N VAL B 206 -17.12 -20.40 8.31
CA VAL B 206 -16.23 -21.03 9.25
C VAL B 206 -16.03 -20.12 10.45
N THR B 207 -16.18 -20.67 11.65
CA THR B 207 -15.93 -19.93 12.88
C THR B 207 -14.82 -20.61 13.65
N LYS B 208 -13.82 -19.82 14.05
CA LYS B 208 -12.78 -20.24 14.97
C LYS B 208 -12.96 -19.43 16.23
N SER B 209 -12.87 -20.10 17.37
CA SER B 209 -13.19 -19.44 18.63
C SER B 209 -12.34 -20.03 19.73
N PHE B 210 -12.28 -19.29 20.85
CA PHE B 210 -11.67 -19.79 22.07
C PHE B 210 -12.42 -19.18 23.24
N ASN B 211 -12.29 -19.84 24.37
CA ASN B 211 -12.85 -19.37 25.63
C ASN B 211 -11.72 -18.77 26.45
N ARG B 212 -11.82 -17.47 26.73
CA ARG B 212 -10.78 -16.79 27.51
C ARG B 212 -10.52 -17.56 28.79
N GLY B 213 -9.24 -17.82 29.05
CA GLY B 213 -8.82 -18.45 30.30
C GLY B 213 -8.96 -19.96 30.36
N GLU B 214 -9.57 -20.57 29.34
CA GLU B 214 -9.90 -21.99 29.37
C GLU B 214 -9.27 -22.71 28.18
ZN ZN C . 6.65 31.53 -18.81
ZN ZN D . -7.08 11.80 -1.87
ZN ZN E . 12.09 -32.17 11.33
ZN ZN F . -2.56 19.06 2.76
ZN ZN G . -8.44 27.84 -11.32
ZN ZN H . -0.61 -1.65 22.57
ZN ZN I . 18.51 -10.47 17.04
ZN ZN J . 2.86 4.16 5.82
CL CL K . -8.49 -31.48 7.95
CL CL L . 6.21 25.13 -22.31
CL CL M . 12.06 -14.83 23.39
CL CL N . -5.67 10.56 -0.77
CL CL O . 17.05 -8.51 14.77
CL CL P . -5.60 16.22 9.15
CL CL Q . 3.30 8.82 21.03
CL CL R . 10.61 27.22 5.06
CL CL S . -3.64 17.82 11.84
CL CL T . 9.48 -6.89 6.61
CL CL U . -3.71 11.60 1.96
CL CL V . 2.72 1.74 5.47
CL CL W . 0.41 3.20 6.43
CL CL X . 3.11 -1.10 5.52
CL CL Y . 10.73 6.80 -14.66
CL CL Z . 5.28 0.29 6.72
CL CL AA . -1.57 13.21 14.71
N1 IMD BA . 7.10 29.98 -19.99
C2 IMD BA . 6.54 28.78 -19.75
N3 IMD BA . 6.93 27.92 -20.71
C4 IMD BA . 7.74 28.58 -21.56
C5 IMD BA . 7.85 29.88 -21.10
N1 IMD CA . 1.69 28.92 -21.45
C2 IMD CA . 2.43 28.77 -22.56
N3 IMD CA . 3.14 29.89 -22.75
C4 IMD CA . 2.84 30.75 -21.75
C5 IMD CA . 1.92 30.13 -20.92
ZN ZN DA . -17.70 -5.45 27.23
ZN ZN EA . 4.97 -14.89 -21.71
ZN ZN FA . -0.94 -4.17 -5.74
ZN ZN GA . 3.65 -18.03 -0.97
ZN ZN HA . -12.36 -6.87 4.66
ZN ZN IA . -0.05 -18.59 3.49
ZN ZN JA . -20.26 5.94 -16.81
ZN ZN KA . -22.50 -14.11 10.57
ZN ZN LA . -16.62 -2.23 -12.00
ZN ZN MA . 4.90 2.71 -0.83
ZN ZN NA . -1.58 -22.76 -2.40
ZN ZN OA . -14.76 17.57 -9.46
ZN ZN PA . 9.88 -4.94 -17.65
CL CL QA . -15.99 -4.78 25.92
CL CL RA . -19.71 -4.60 26.59
CL CL SA . -18.43 -13.98 8.48
CL CL TA . 9.13 -4.08 -19.52
CL CL UA . -5.39 -22.33 -10.50
CL CL VA . -21.74 -5.60 9.68
CL CL WA . 5.64 -15.30 -30.25
CL CL XA . 6.73 -7.37 -25.56
CL CL YA . -18.08 6.69 -17.12
CL CL ZA . -16.03 -4.09 37.33
CL CL AB . -5.21 14.14 -32.03
CL CL BB . 5.80 -10.78 -24.43
CL CL CB . 3.61 -14.68 26.40
CL CL DB . -13.97 -4.96 -11.11
CL CL EB . -13.52 18.01 -8.04
CL CL FB . -25.59 -13.06 8.37
CL CL GB . -0.52 -4.89 -7.85
CL CL HB . 3.00 -15.82 -21.88
N1 IMD IB . -11.62 -7.97 3.06
C2 IMD IB . -11.84 -9.16 2.48
N3 IMD IB . -11.06 -9.25 1.38
C4 IMD IB . -10.37 -8.09 1.24
C5 IMD IB . -10.72 -7.27 2.31
N1 IMD JB . -17.38 -4.47 28.98
C2 IMD JB . -16.42 -3.56 29.31
N3 IMD JB . -16.67 -3.10 30.54
C4 IMD JB . -17.78 -3.71 31.01
C5 IMD JB . -18.23 -4.59 30.03
N1 IMD KB . -4.11 20.92 -25.49
C2 IMD KB . -3.29 22.00 -25.37
N3 IMD KB . -2.76 22.25 -26.58
C4 IMD KB . -3.22 21.33 -27.47
C5 IMD KB . -4.07 20.50 -26.76
N1 IMD LB . 6.38 -14.47 -23.06
C2 IMD LB . 5.90 -15.67 -23.49
N3 IMD LB . 6.45 -15.92 -24.71
C4 IMD LB . 7.26 -14.88 -25.05
C5 IMD LB . 7.19 -13.96 -24.02
N1 IMD MB . 0.01 -2.45 -5.90
C2 IMD MB . 0.54 -1.71 -6.92
N3 IMD MB . 0.98 -0.53 -6.41
C4 IMD MB . 0.72 -0.53 -5.08
C5 IMD MB . 0.11 -1.73 -4.76
C1 EDO NB . -11.73 -6.79 35.41
O1 EDO NB . -12.49 -6.20 34.34
C2 EDO NB . -12.25 -8.19 35.66
O2 EDO NB . -13.66 -8.23 35.39
#